data_6RGW
#
_entry.id   6RGW
#
_cell.length_a   80.893
_cell.length_b   80.893
_cell.length_c   113.642
_cell.angle_alpha   90.00
_cell.angle_beta   90.00
_cell.angle_gamma   120.00
#
_symmetry.space_group_name_H-M   'P 31 2 1'
#
loop_
_entity.id
_entity.type
_entity.pdbx_description
1 polymer 'Lectin PHL'
2 non-polymer 3,6-O-dimethyl-D-glucose
3 non-polymer 6-deoxy-2,3-di-O-methyl-alpha-L-mannopyranose
4 non-polymer 4-(2-azanylethoxy)phenol
5 non-polymer 1,2-ETHANEDIOL
6 non-polymer 'SODIUM ION'
7 non-polymer 'CHLORIDE ION'
8 water water
#
_entity_poly.entity_id   1
_entity_poly.type   'polypeptide(L)'
_entity_poly.pdbx_seq_one_letter_code
;MQPINTSNPDNTASYVKDEVEITSSTIALSEIVSVVNTSDGRLEVFGVGTDKAVWHNRQMAPHTGSPWSGWSSLKGQVTS
KPVVYINTDGRLEVFARGTDNALWHIWQTATNAGWSNWQSLGGVITSNPAIYANTDGRLEVFARGADNALWHISQTTAHS
GPWSSWASLNGVITSNPTVHINSDGRLEVFARGTDNALWHIWQTAPDSNLWSSWESLNGIITSDPVVIDTADGRLEVFAR
GADNALWHIWQTISHSGPWSGWQSLNGVITSAPAVAKNCDNRLEAFARGTDNALWHTWQTVSHSGPWSSWQSLNGVITSA
PTAVRDADGRLEVFARGTDNALWLTWQTASSWSPWISLGGVLIDASAIK
;
_entity_poly.pdbx_strand_id   A
#
loop_
_chem_comp.id
_chem_comp.type
_chem_comp.name
_chem_comp.formula
7CV L-saccharide, alpha linking 6-deoxy-2,3-di-O-methyl-alpha-L-mannopyranose 'C8 H16 O5'
CL non-polymer 'CHLORIDE ION' 'Cl -1'
EDO non-polymer 1,2-ETHANEDIOL 'C2 H6 O2'
K3Q non-polymer 3,6-O-dimethyl-D-glucose 'C8 H16 O6'
K42 non-polymer 4-(2-azanylethoxy)phenol 'C8 H11 N O2'
NA non-polymer 'SODIUM ION' 'Na 1'
#
# COMPACT_ATOMS: atom_id res chain seq x y z
N THR A 26 -9.34 5.53 -15.62
CA THR A 26 -9.91 5.32 -14.25
C THR A 26 -9.34 4.04 -13.64
N ILE A 27 -9.50 3.86 -12.32
CA ILE A 27 -9.05 2.66 -11.56
C ILE A 27 -10.15 2.30 -10.57
N ALA A 28 -10.16 1.04 -10.13
CA ALA A 28 -11.03 0.54 -9.05
C ALA A 28 -10.90 1.47 -7.83
N LEU A 29 -11.97 1.56 -7.03
CA LEU A 29 -12.05 2.43 -5.84
C LEU A 29 -10.88 2.11 -4.90
N SER A 30 -10.16 3.15 -4.45
CA SER A 30 -8.86 3.05 -3.75
C SER A 30 -9.05 2.69 -2.27
N GLU A 31 -7.97 2.22 -1.65
CA GLU A 31 -7.80 2.23 -0.18
C GLU A 31 -7.90 3.67 0.31
N ILE A 32 -8.50 3.87 1.48
CA ILE A 32 -8.78 5.22 2.07
C ILE A 32 -7.68 5.56 3.09
N VAL A 33 -6.98 4.56 3.62
CA VAL A 33 -5.93 4.77 4.67
C VAL A 33 -4.64 4.03 4.29
N SER A 34 -3.53 4.53 4.85
CA SER A 34 -2.22 3.85 4.95
C SER A 34 -2.07 3.33 6.39
N VAL A 35 -1.65 2.08 6.55
CA VAL A 35 -1.50 1.45 7.89
C VAL A 35 -0.10 0.87 8.03
N VAL A 36 0.43 0.89 9.24
CA VAL A 36 1.70 0.19 9.58
C VAL A 36 1.55 -0.46 10.95
N ASN A 37 2.19 -1.63 11.10
CA ASN A 37 2.53 -2.26 12.39
C ASN A 37 3.86 -1.60 12.82
N THR A 38 3.83 -0.75 13.86
CA THR A 38 4.94 0.12 14.34
C THR A 38 6.05 -0.69 14.98
N SER A 39 7.19 -0.06 15.27
CA SER A 39 8.38 -0.70 15.88
C SER A 39 8.04 -1.20 17.30
N ASP A 40 6.97 -0.69 17.94
CA ASP A 40 6.51 -1.20 19.26
C ASP A 40 5.19 -1.99 19.09
N GLY A 41 4.91 -2.50 17.89
CA GLY A 41 3.90 -3.53 17.62
C GLY A 41 2.47 -3.02 17.69
N ARG A 42 2.27 -1.72 17.50
CA ARG A 42 0.92 -1.09 17.48
CA ARG A 42 0.91 -1.12 17.47
C ARG A 42 0.55 -0.77 16.03
N LEU A 43 -0.72 -0.96 15.67
CA LEU A 43 -1.24 -0.54 14.35
C LEU A 43 -1.46 0.98 14.42
N GLU A 44 -1.10 1.68 13.35
CA GLU A 44 -1.31 3.15 13.23
C GLU A 44 -1.81 3.41 11.82
N VAL A 45 -2.96 4.10 11.71
CA VAL A 45 -3.65 4.34 10.41
C VAL A 45 -3.58 5.83 10.09
N PHE A 46 -3.37 6.17 8.82
CA PHE A 46 -3.26 7.56 8.31
C PHE A 46 -4.30 7.77 7.20
N GLY A 47 -5.10 8.85 7.33
CA GLY A 47 -6.15 9.19 6.36
C GLY A 47 -6.27 10.69 6.15
N VAL A 48 -7.18 11.09 5.27
CA VAL A 48 -7.43 12.52 4.92
C VAL A 48 -8.85 12.88 5.37
N GLY A 49 -8.97 13.99 6.09
CA GLY A 49 -10.25 14.54 6.55
C GLY A 49 -10.89 15.43 5.49
N THR A 50 -12.10 15.91 5.75
CA THR A 50 -12.84 16.84 4.86
C THR A 50 -12.05 18.14 4.69
N ASP A 51 -11.23 18.48 5.69
CA ASP A 51 -10.41 19.71 5.75
C ASP A 51 -9.11 19.53 4.95
N LYS A 52 -8.89 18.35 4.34
CA LYS A 52 -7.70 18.02 3.50
C LYS A 52 -6.43 17.92 4.38
N ALA A 53 -6.59 17.86 5.71
CA ALA A 53 -5.46 17.57 6.63
C ALA A 53 -5.27 16.05 6.72
N VAL A 54 -4.06 15.64 7.10
CA VAL A 54 -3.76 14.21 7.38
C VAL A 54 -4.10 13.97 8.85
N TRP A 55 -4.90 12.94 9.13
CA TRP A 55 -5.27 12.49 10.50
C TRP A 55 -4.71 11.10 10.71
N HIS A 56 -4.43 10.75 11.97
CA HIS A 56 -3.92 9.40 12.32
C HIS A 56 -4.63 8.90 13.57
N ASN A 57 -4.71 7.58 13.68
CA ASN A 57 -5.33 6.81 14.79
C ASN A 57 -4.38 5.66 15.11
N ARG A 58 -4.14 5.35 16.39
CA ARG A 58 -3.20 4.26 16.75
CA ARG A 58 -3.21 4.25 16.74
C ARG A 58 -3.75 3.46 17.93
N GLN A 59 -3.42 2.17 17.94
CA GLN A 59 -3.71 1.27 19.07
C GLN A 59 -2.92 1.77 20.29
N MET A 60 -3.54 1.72 21.47
CA MET A 60 -2.82 1.98 22.75
C MET A 60 -1.85 0.84 23.05
N ALA A 61 -2.23 -0.40 22.74
CA ALA A 61 -1.54 -1.63 23.18
C ALA A 61 -1.28 -2.53 21.98
N PRO A 62 -0.20 -3.35 22.03
CA PRO A 62 0.18 -4.20 20.91
C PRO A 62 -0.60 -5.52 20.82
N HIS A 63 -1.93 -5.43 20.69
CA HIS A 63 -2.83 -6.61 20.71
C HIS A 63 -4.07 -6.38 19.86
N THR A 64 -4.56 -7.46 19.25
CA THR A 64 -5.88 -7.51 18.57
C THR A 64 -6.91 -6.96 19.55
N GLY A 65 -7.72 -6.01 19.12
CA GLY A 65 -8.85 -5.47 19.91
C GLY A 65 -8.40 -4.43 20.93
N SER A 66 -7.17 -3.91 20.82
CA SER A 66 -6.66 -2.80 21.67
C SER A 66 -7.58 -1.61 21.53
N PRO A 67 -7.76 -0.79 22.60
CA PRO A 67 -8.41 0.52 22.43
C PRO A 67 -7.55 1.40 21.51
N TRP A 68 -8.20 2.35 20.85
CA TRP A 68 -7.58 3.30 19.88
C TRP A 68 -7.48 4.69 20.50
N SER A 69 -6.50 5.47 20.05
CA SER A 69 -6.29 6.90 20.43
C SER A 69 -7.53 7.73 20.10
N GLY A 70 -8.19 7.40 18.98
CA GLY A 70 -9.08 8.34 18.27
C GLY A 70 -8.27 9.15 17.28
N TRP A 71 -8.96 9.86 16.40
CA TRP A 71 -8.33 10.66 15.32
C TRP A 71 -7.72 11.94 15.88
N SER A 72 -6.47 12.21 15.51
CA SER A 72 -5.80 13.50 15.76
C SER A 72 -5.17 13.96 14.44
N SER A 73 -5.09 15.27 14.26
CA SER A 73 -4.63 15.91 12.99
C SER A 73 -3.12 16.10 13.01
N LEU A 74 -2.45 15.75 11.92
CA LEU A 74 -1.04 16.14 11.64
C LEU A 74 -1.04 17.41 10.79
N LYS A 75 -2.23 17.97 10.51
CA LYS A 75 -2.41 19.19 9.68
C LYS A 75 -1.93 18.90 8.26
N GLY A 76 -1.37 19.90 7.58
CA GLY A 76 -1.06 19.83 6.14
C GLY A 76 -2.31 19.99 5.30
N GLN A 77 -2.13 20.14 3.99
CA GLN A 77 -3.23 20.23 3.00
C GLN A 77 -2.78 19.36 1.82
N VAL A 78 -3.40 18.19 1.65
CA VAL A 78 -2.88 17.13 0.75
C VAL A 78 -3.90 16.83 -0.35
N THR A 79 -3.39 16.39 -1.50
CA THR A 79 -4.15 16.01 -2.72
C THR A 79 -3.71 14.61 -3.19
N SER A 80 -3.21 13.77 -2.28
CA SER A 80 -2.97 12.33 -2.54
C SER A 80 -3.37 11.53 -1.29
N LYS A 81 -3.51 10.22 -1.44
CA LYS A 81 -3.48 9.30 -0.25
C LYS A 81 -2.20 9.63 0.50
N PRO A 82 -2.25 9.77 1.84
CA PRO A 82 -1.03 9.90 2.64
C PRO A 82 -0.48 8.48 2.87
N VAL A 83 0.83 8.32 2.71
CA VAL A 83 1.47 6.98 2.71
C VAL A 83 2.54 6.96 3.80
N VAL A 84 2.32 6.18 4.85
CA VAL A 84 3.31 6.07 5.96
C VAL A 84 4.32 4.98 5.60
N TYR A 85 5.59 5.20 5.95
CA TYR A 85 6.64 4.17 5.85
C TYR A 85 7.50 4.23 7.11
N ILE A 86 8.04 3.08 7.55
CA ILE A 86 8.92 3.03 8.75
C ILE A 86 10.38 3.08 8.29
N ASN A 87 11.11 4.10 8.76
CA ASN A 87 12.58 4.23 8.58
C ASN A 87 13.24 3.03 9.28
N THR A 88 14.47 2.68 8.89
CA THR A 88 15.21 1.52 9.46
C THR A 88 15.58 1.80 10.92
N ASP A 89 15.37 3.02 11.43
CA ASP A 89 15.57 3.36 12.85
C ASP A 89 14.23 3.39 13.59
N GLY A 90 13.15 2.95 12.94
CA GLY A 90 11.83 2.80 13.57
C GLY A 90 10.96 4.06 13.51
N ARG A 91 11.50 5.20 13.06
CA ARG A 91 10.73 6.47 12.98
C ARG A 91 9.75 6.41 11.80
N LEU A 92 8.47 6.67 12.06
CA LEU A 92 7.43 6.79 11.00
C LEU A 92 7.73 8.05 10.18
N GLU A 93 7.45 7.98 8.89
CA GLU A 93 7.52 9.15 7.98
C GLU A 93 6.34 9.06 7.02
N VAL A 94 5.60 10.15 6.87
CA VAL A 94 4.37 10.21 6.04
C VAL A 94 4.66 11.08 4.81
N PHE A 95 4.33 10.56 3.63
CA PHE A 95 4.53 11.23 2.33
C PHE A 95 3.16 11.51 1.71
N ALA A 96 3.01 12.68 1.12
CA ALA A 96 1.75 13.09 0.49
C ALA A 96 2.02 14.18 -0.55
N ARG A 97 1.22 14.20 -1.61
CA ARG A 97 1.17 15.37 -2.52
C ARG A 97 0.47 16.51 -1.80
N GLY A 98 1.04 17.71 -1.86
CA GLY A 98 0.46 18.94 -1.32
C GLY A 98 -0.51 19.54 -2.33
N THR A 99 -1.33 20.50 -1.90
CA THR A 99 -2.22 21.30 -2.77
C THR A 99 -1.38 22.02 -3.84
N ASP A 100 -0.08 22.21 -3.61
CA ASP A 100 0.86 22.84 -4.59
C ASP A 100 1.44 21.80 -5.56
N ASN A 101 1.01 20.53 -5.46
CA ASN A 101 1.42 19.39 -6.32
C ASN A 101 2.89 18.98 -6.07
N ALA A 102 3.55 19.53 -5.07
CA ALA A 102 4.89 19.05 -4.65
C ALA A 102 4.74 17.80 -3.78
N LEU A 103 5.83 17.06 -3.62
CA LEU A 103 5.91 15.99 -2.61
C LEU A 103 6.24 16.65 -1.27
N TRP A 104 5.42 16.35 -0.26
CA TRP A 104 5.64 16.83 1.13
C TRP A 104 5.88 15.61 2.02
N HIS A 105 6.54 15.82 3.15
CA HIS A 105 6.70 14.73 4.15
C HIS A 105 6.74 15.32 5.56
N ILE A 106 6.46 14.48 6.52
CA ILE A 106 6.51 14.79 7.97
C ILE A 106 6.99 13.49 8.64
N TRP A 107 7.80 13.60 9.67
CA TRP A 107 8.44 12.41 10.26
C TRP A 107 8.46 12.55 11.78
N GLN A 108 8.48 11.42 12.47
CA GLN A 108 8.74 11.37 13.92
C GLN A 108 10.18 11.85 14.15
N THR A 109 10.38 12.75 15.12
CA THR A 109 11.72 13.24 15.50
C THR A 109 12.39 12.19 16.39
N ALA A 110 11.60 11.28 16.98
CA ALA A 110 12.08 10.12 17.75
C ALA A 110 11.07 8.99 17.64
N THR A 111 11.54 7.74 17.71
CA THR A 111 10.73 6.51 17.50
C THR A 111 9.50 6.54 18.43
N ASN A 112 8.30 6.36 17.87
CA ASN A 112 7.00 6.46 18.57
C ASN A 112 7.01 7.64 19.55
N ALA A 113 7.50 8.81 19.13
CA ALA A 113 7.39 10.09 19.86
C ALA A 113 6.70 11.12 18.95
N GLY A 114 7.12 12.39 18.98
CA GLY A 114 6.44 13.53 18.34
C GLY A 114 6.82 13.67 16.88
N TRP A 115 6.19 14.62 16.18
CA TRP A 115 6.33 14.79 14.71
C TRP A 115 7.05 16.09 14.40
N SER A 116 7.78 16.08 13.29
CA SER A 116 8.38 17.28 12.65
C SER A 116 7.25 18.20 12.17
N ASN A 117 7.60 19.35 11.61
CA ASN A 117 6.67 20.13 10.75
C ASN A 117 6.71 19.49 9.36
N TRP A 118 5.65 19.70 8.58
CA TRP A 118 5.63 19.34 7.14
C TRP A 118 6.77 20.07 6.45
N GLN A 119 7.49 19.39 5.57
CA GLN A 119 8.58 19.96 4.75
C GLN A 119 8.34 19.53 3.29
N SER A 120 8.59 20.43 2.34
CA SER A 120 8.45 20.17 0.89
C SER A 120 9.72 19.51 0.37
N LEU A 121 9.58 18.42 -0.40
CA LEU A 121 10.68 17.87 -1.23
C LEU A 121 10.52 18.34 -2.68
N GLY A 122 9.68 19.34 -2.91
CA GLY A 122 9.52 19.99 -4.23
C GLY A 122 9.02 19.02 -5.28
N GLY A 123 9.42 19.23 -6.53
CA GLY A 123 8.90 18.47 -7.68
C GLY A 123 7.45 18.81 -7.98
N VAL A 124 6.93 18.23 -9.06
CA VAL A 124 5.48 18.23 -9.42
C VAL A 124 5.10 16.79 -9.70
N ILE A 125 4.13 16.25 -8.94
CA ILE A 125 3.74 14.82 -9.03
C ILE A 125 2.24 14.72 -9.28
N THR A 126 1.84 13.62 -9.89
CA THR A 126 0.48 13.36 -10.41
C THR A 126 0.01 11.97 -9.96
N SER A 127 0.62 11.40 -8.91
CA SER A 127 0.16 10.14 -8.28
C SER A 127 0.39 10.21 -6.78
N ASN A 128 -0.16 9.24 -6.06
CA ASN A 128 0.23 8.91 -4.66
C ASN A 128 1.72 8.57 -4.70
N PRO A 129 2.49 8.92 -3.65
CA PRO A 129 3.88 8.48 -3.56
C PRO A 129 3.93 6.99 -3.19
N ALA A 130 4.99 6.31 -3.62
CA ALA A 130 5.30 4.92 -3.26
C ALA A 130 6.71 4.90 -2.66
N ILE A 131 6.89 4.23 -1.52
CA ILE A 131 8.14 4.36 -0.72
C ILE A 131 8.69 2.98 -0.39
N TYR A 132 10.02 2.85 -0.41
CA TYR A 132 10.71 1.67 0.14
C TYR A 132 12.09 2.09 0.64
N ALA A 133 12.60 1.38 1.66
CA ALA A 133 13.99 1.51 2.13
C ALA A 133 14.90 0.67 1.24
N ASN A 134 15.96 1.29 0.71
CA ASN A 134 17.13 0.58 0.15
C ASN A 134 17.79 -0.21 1.28
N THR A 135 18.59 -1.22 0.91
CA THR A 135 19.33 -2.09 1.85
C THR A 135 20.28 -1.25 2.71
N ASP A 136 20.64 -0.05 2.27
CA ASP A 136 21.55 0.88 3.00
C ASP A 136 20.77 1.86 3.89
N GLY A 137 19.47 1.65 4.09
CA GLY A 137 18.63 2.46 5.00
C GLY A 137 18.12 3.76 4.37
N ARG A 138 18.49 4.09 3.12
CA ARG A 138 18.00 5.31 2.44
C ARG A 138 16.62 5.06 1.84
N LEU A 139 15.60 5.77 2.33
CA LEU A 139 14.25 5.74 1.72
C LEU A 139 14.37 6.24 0.28
N GLU A 140 13.60 5.62 -0.61
CA GLU A 140 13.46 6.09 -2.01
C GLU A 140 11.96 6.21 -2.28
N VAL A 141 11.57 7.35 -2.85
CA VAL A 141 10.14 7.69 -3.13
C VAL A 141 9.96 7.73 -4.64
N PHE A 142 8.85 7.13 -5.10
CA PHE A 142 8.45 7.03 -6.52
C PHE A 142 7.08 7.70 -6.68
N ALA A 143 6.93 8.50 -7.72
CA ALA A 143 5.65 9.19 -8.00
C ALA A 143 5.61 9.53 -9.49
N ARG A 144 4.41 9.53 -10.05
CA ARG A 144 4.20 9.92 -11.46
C ARG A 144 4.43 11.43 -11.59
N GLY A 145 4.94 11.87 -12.74
CA GLY A 145 5.19 13.28 -13.07
C GLY A 145 4.08 13.86 -13.94
N ALA A 146 4.15 15.16 -14.21
CA ALA A 146 3.24 15.90 -15.11
C ALA A 146 3.24 15.24 -16.49
N ASP A 147 4.37 14.62 -16.86
CA ASP A 147 4.63 13.95 -18.16
C ASP A 147 4.12 12.50 -18.14
N ASN A 148 3.57 12.05 -17.00
CA ASN A 148 3.05 10.66 -16.76
C ASN A 148 4.21 9.64 -16.79
N ALA A 149 5.45 10.10 -16.70
CA ALA A 149 6.64 9.25 -16.45
C ALA A 149 6.74 8.97 -14.95
N LEU A 150 7.54 7.97 -14.59
CA LEU A 150 7.85 7.64 -13.18
C LEU A 150 9.08 8.43 -12.75
N TRP A 151 8.97 9.19 -11.67
CA TRP A 151 10.09 9.99 -11.11
C TRP A 151 10.46 9.40 -9.74
N HIS A 152 11.67 9.69 -9.28
CA HIS A 152 12.13 9.17 -7.97
C HIS A 152 13.11 10.15 -7.33
N ILE A 153 13.17 10.08 -5.99
CA ILE A 153 14.01 10.93 -5.10
C ILE A 153 14.33 10.07 -3.88
N SER A 154 15.48 10.26 -3.26
CA SER A 154 15.96 9.40 -2.14
C SER A 154 16.68 10.23 -1.07
N GLN A 155 16.64 9.73 0.15
CA GLN A 155 17.54 10.15 1.25
C GLN A 155 18.98 9.93 0.78
N THR A 156 19.87 10.85 1.11
CA THR A 156 21.31 10.80 0.73
C THR A 156 22.09 9.99 1.77
N THR A 157 21.50 9.78 2.95
CA THR A 157 22.10 9.02 4.07
C THR A 157 20.98 8.23 4.76
N ALA A 158 21.33 7.16 5.48
CA ALA A 158 20.35 6.24 6.10
C ALA A 158 19.35 7.05 6.94
N HIS A 159 18.06 6.82 6.75
CA HIS A 159 16.95 7.35 7.59
C HIS A 159 17.15 8.84 7.88
N SER A 160 17.57 9.63 6.90
CA SER A 160 17.78 11.08 7.13
C SER A 160 17.85 11.86 5.82
N GLY A 161 17.42 13.13 5.89
CA GLY A 161 17.74 14.16 4.90
C GLY A 161 19.23 14.50 5.00
N PRO A 162 19.77 15.29 4.05
CA PRO A 162 18.98 15.85 2.96
C PRO A 162 18.68 14.80 1.89
N TRP A 163 17.83 15.18 0.94
CA TRP A 163 17.36 14.29 -0.15
C TRP A 163 18.12 14.61 -1.43
N SER A 164 18.16 13.65 -2.33
CA SER A 164 18.80 13.74 -3.66
C SER A 164 18.00 14.73 -4.51
N SER A 165 18.50 15.08 -5.69
CA SER A 165 17.70 15.71 -6.77
C SER A 165 16.66 14.68 -7.24
N TRP A 166 15.53 15.18 -7.73
CA TRP A 166 14.55 14.42 -8.52
C TRP A 166 15.20 13.95 -9.83
N ALA A 167 14.76 12.80 -10.34
CA ALA A 167 15.10 12.29 -11.69
C ALA A 167 13.99 11.38 -12.18
N SER A 168 13.97 11.09 -13.48
CA SER A 168 12.91 10.29 -14.13
C SER A 168 13.45 8.90 -14.47
N LEU A 169 12.58 7.90 -14.33
CA LEU A 169 12.78 6.52 -14.82
C LEU A 169 11.91 6.30 -16.06
N ASN A 170 11.31 7.38 -16.59
CA ASN A 170 10.58 7.36 -17.88
C ASN A 170 9.35 6.45 -17.74
N GLY A 171 8.92 5.82 -18.84
CA GLY A 171 7.64 5.13 -18.92
C GLY A 171 6.48 6.10 -19.11
N VAL A 172 5.29 5.54 -19.29
CA VAL A 172 4.00 6.29 -19.42
C VAL A 172 2.98 5.48 -18.61
N ILE A 173 2.58 5.99 -17.45
CA ILE A 173 1.77 5.16 -16.49
C ILE A 173 0.44 5.86 -16.20
N THR A 174 -0.57 5.04 -15.90
CA THR A 174 -2.00 5.40 -15.79
C THR A 174 -2.58 4.81 -14.49
N SER A 175 -1.71 4.39 -13.58
CA SER A 175 -2.10 3.96 -12.21
C SER A 175 -1.12 4.57 -11.23
N ASN A 176 -1.47 4.57 -9.94
CA ASN A 176 -0.49 4.80 -8.86
C ASN A 176 0.58 3.71 -8.96
N PRO A 177 1.87 4.08 -8.79
CA PRO A 177 2.95 3.10 -8.77
C PRO A 177 3.06 2.43 -7.39
N THR A 178 3.57 1.20 -7.37
CA THR A 178 3.88 0.47 -6.12
C THR A 178 5.31 -0.09 -6.22
N VAL A 179 6.05 0.03 -5.13
CA VAL A 179 7.46 -0.42 -5.06
C VAL A 179 7.57 -1.52 -4.00
N HIS A 180 8.41 -2.51 -4.25
CA HIS A 180 8.81 -3.52 -3.25
C HIS A 180 10.28 -3.87 -3.47
N ILE A 181 10.90 -4.44 -2.46
CA ILE A 181 12.31 -4.91 -2.56
C ILE A 181 12.29 -6.40 -2.89
N ASN A 182 13.15 -6.80 -3.80
CA ASN A 182 13.44 -8.22 -4.10
C ASN A 182 14.19 -8.82 -2.91
N SER A 183 14.22 -10.15 -2.83
CA SER A 183 14.92 -10.88 -1.74
C SER A 183 16.44 -10.73 -1.85
N ASP A 184 16.96 -10.13 -2.94
CA ASP A 184 18.39 -9.81 -3.13
C ASP A 184 18.64 -8.30 -2.98
N GLY A 185 17.65 -7.55 -2.49
CA GLY A 185 17.79 -6.14 -2.07
C GLY A 185 17.61 -5.15 -3.21
N ARG A 186 17.19 -5.61 -4.40
CA ARG A 186 16.94 -4.68 -5.54
C ARG A 186 15.48 -4.20 -5.50
N LEU A 187 15.28 -2.87 -5.46
CA LEU A 187 13.93 -2.27 -5.55
C LEU A 187 13.36 -2.59 -6.93
N GLU A 188 12.05 -2.79 -6.98
CA GLU A 188 11.30 -3.05 -8.24
C GLU A 188 9.98 -2.28 -8.16
N VAL A 189 9.61 -1.57 -9.22
CA VAL A 189 8.41 -0.71 -9.24
C VAL A 189 7.45 -1.24 -10.30
N PHE A 190 6.16 -1.19 -9.98
CA PHE A 190 5.05 -1.71 -10.81
C PHE A 190 4.03 -0.59 -11.04
N ALA A 191 3.48 -0.54 -12.25
CA ALA A 191 2.47 0.46 -12.63
C ALA A 191 1.76 -0.01 -13.89
N ARG A 192 0.51 0.40 -14.05
CA ARG A 192 -0.24 0.18 -15.31
C ARG A 192 0.28 1.13 -16.38
N GLY A 193 0.37 0.66 -17.63
CA GLY A 193 0.79 1.46 -18.79
C GLY A 193 -0.41 2.05 -19.51
N THR A 194 -0.16 2.90 -20.51
CA THR A 194 -1.21 3.51 -21.36
C THR A 194 -1.95 2.42 -22.15
N ASP A 195 -1.37 1.23 -22.31
CA ASP A 195 -2.01 0.05 -22.97
C ASP A 195 -2.80 -0.79 -21.95
N ASN A 196 -2.81 -0.39 -20.67
CA ASN A 196 -3.55 -1.06 -19.56
C ASN A 196 -2.90 -2.39 -19.17
N ALA A 197 -1.70 -2.67 -19.67
CA ALA A 197 -0.86 -3.80 -19.20
C ALA A 197 -0.19 -3.40 -17.88
N LEU A 198 0.26 -4.40 -17.13
CA LEU A 198 1.18 -4.19 -15.97
C LEU A 198 2.61 -4.08 -16.51
N TRP A 199 3.29 -2.99 -16.17
CA TRP A 199 4.73 -2.78 -16.50
C TRP A 199 5.55 -2.78 -15.21
N HIS A 200 6.83 -3.11 -15.31
CA HIS A 200 7.75 -3.06 -14.16
C HIS A 200 9.17 -2.67 -14.61
N ILE A 201 9.95 -2.21 -13.64
CA ILE A 201 11.35 -1.72 -13.81
C ILE A 201 12.05 -2.00 -12.48
N TRP A 202 13.34 -2.34 -12.51
CA TRP A 202 14.08 -2.74 -11.28
C TRP A 202 15.47 -2.11 -11.24
N GLN A 203 15.99 -1.87 -10.02
CA GLN A 203 17.43 -1.61 -9.81
C GLN A 203 18.22 -2.80 -10.33
N THR A 204 19.40 -2.55 -10.92
CA THR A 204 20.32 -3.61 -11.40
C THR A 204 21.21 -4.05 -10.24
N ALA A 205 21.25 -3.30 -9.15
CA ALA A 205 22.04 -3.64 -7.94
C ALA A 205 21.41 -2.93 -6.75
N PRO A 206 21.49 -3.49 -5.53
CA PRO A 206 20.96 -2.81 -4.35
C PRO A 206 21.54 -1.40 -4.24
N ASP A 207 20.73 -0.45 -3.76
CA ASP A 207 21.14 0.92 -3.39
C ASP A 207 21.53 1.73 -4.63
N SER A 208 21.29 1.23 -5.83
CA SER A 208 21.85 1.76 -7.10
C SER A 208 20.97 2.89 -7.66
N ASN A 209 21.56 3.76 -8.48
CA ASN A 209 20.84 4.70 -9.38
C ASN A 209 20.71 4.07 -10.77
N LEU A 210 21.18 2.83 -10.95
CA LEU A 210 21.15 2.08 -12.24
C LEU A 210 19.91 1.20 -12.30
N TRP A 211 19.04 1.41 -13.28
CA TRP A 211 17.76 0.67 -13.42
C TRP A 211 17.73 -0.07 -14.75
N SER A 212 16.92 -1.13 -14.80
CA SER A 212 16.55 -1.86 -16.03
C SER A 212 15.77 -0.92 -16.95
N SER A 213 15.53 -1.35 -18.19
CA SER A 213 14.45 -0.83 -19.06
C SER A 213 13.11 -1.25 -18.45
N TRP A 214 12.06 -0.48 -18.73
CA TRP A 214 10.66 -0.89 -18.49
C TRP A 214 10.40 -2.19 -19.26
N GLU A 215 9.70 -3.14 -18.64
CA GLU A 215 9.27 -4.40 -19.31
C GLU A 215 7.79 -4.64 -19.03
N SER A 216 7.06 -5.15 -20.02
CA SER A 216 5.61 -5.43 -19.89
C SER A 216 5.41 -6.85 -19.35
N LEU A 217 4.51 -6.99 -18.38
CA LEU A 217 4.00 -8.28 -17.89
C LEU A 217 2.61 -8.53 -18.49
N ASN A 218 2.24 -7.76 -19.52
CA ASN A 218 0.98 -7.96 -20.28
C ASN A 218 -0.20 -7.86 -19.32
N GLY A 219 -1.29 -8.58 -19.60
CA GLY A 219 -2.56 -8.45 -18.88
C GLY A 219 -3.30 -7.17 -19.25
N ILE A 220 -4.54 -7.06 -18.78
CA ILE A 220 -5.40 -5.84 -18.85
C ILE A 220 -5.87 -5.60 -17.42
N ILE A 221 -5.45 -4.51 -16.78
CA ILE A 221 -5.76 -4.31 -15.34
C ILE A 221 -6.56 -3.01 -15.16
N THR A 222 -7.51 -3.06 -14.22
CA THR A 222 -8.53 -2.02 -13.96
C THR A 222 -8.44 -1.58 -12.49
N SER A 223 -7.32 -1.88 -11.84
CA SER A 223 -7.01 -1.35 -10.48
C SER A 223 -5.53 -1.00 -10.42
N ASP A 224 -5.16 -0.21 -9.42
CA ASP A 224 -3.76 -0.14 -8.95
C ASP A 224 -3.28 -1.57 -8.71
N PRO A 225 -2.00 -1.86 -8.99
CA PRO A 225 -1.41 -3.15 -8.62
C PRO A 225 -1.02 -3.16 -7.14
N VAL A 226 -1.12 -4.33 -6.50
CA VAL A 226 -0.63 -4.58 -5.12
C VAL A 226 0.54 -5.56 -5.22
N VAL A 227 1.65 -5.28 -4.56
CA VAL A 227 2.85 -6.16 -4.60
C VAL A 227 3.18 -6.63 -3.18
N ILE A 228 3.50 -7.92 -3.06
CA ILE A 228 3.93 -8.54 -1.77
C ILE A 228 5.10 -9.48 -2.06
N ASP A 229 5.98 -9.65 -1.08
CA ASP A 229 7.06 -10.67 -1.12
C ASP A 229 6.49 -11.94 -0.48
N THR A 230 6.62 -13.10 -1.15
CA THR A 230 6.19 -14.40 -0.59
C THR A 230 7.19 -14.87 0.45
N ALA A 231 6.85 -15.89 1.23
CA ALA A 231 7.76 -16.50 2.23
C ALA A 231 9.04 -16.99 1.54
N ASP A 232 8.98 -17.35 0.25
CA ASP A 232 10.16 -17.91 -0.48
C ASP A 232 10.80 -16.84 -1.38
N GLY A 233 10.62 -15.56 -1.07
CA GLY A 233 11.42 -14.46 -1.63
C GLY A 233 11.07 -14.13 -3.07
N ARG A 234 9.83 -14.35 -3.48
CA ARG A 234 9.33 -14.02 -4.84
C ARG A 234 8.36 -12.84 -4.74
N LEU A 235 8.44 -11.89 -5.67
CA LEU A 235 7.43 -10.83 -5.80
C LEU A 235 6.20 -11.44 -6.49
N GLU A 236 5.02 -11.10 -5.95
CA GLU A 236 3.70 -11.51 -6.47
C GLU A 236 2.83 -10.26 -6.54
N VAL A 237 2.22 -10.01 -7.71
CA VAL A 237 1.43 -8.79 -7.97
C VAL A 237 -0.03 -9.20 -8.15
N PHE A 238 -0.94 -8.47 -7.49
CA PHE A 238 -2.41 -8.67 -7.60
C PHE A 238 -3.00 -7.40 -8.23
N ALA A 239 -4.00 -7.59 -9.11
CA ALA A 239 -4.71 -6.46 -9.72
C ALA A 239 -6.10 -6.92 -10.19
N ARG A 240 -7.06 -6.01 -10.23
CA ARG A 240 -8.39 -6.28 -10.85
C ARG A 240 -8.20 -6.41 -12.36
N GLY A 241 -8.91 -7.35 -12.98
CA GLY A 241 -8.85 -7.60 -14.44
C GLY A 241 -9.97 -6.87 -15.16
N ALA A 242 -9.94 -6.90 -16.49
CA ALA A 242 -10.97 -6.30 -17.38
C ALA A 242 -12.34 -6.89 -17.07
N ASP A 243 -12.39 -8.13 -16.55
CA ASP A 243 -13.64 -8.85 -16.17
C ASP A 243 -14.02 -8.58 -14.70
N ASN A 244 -13.29 -7.70 -14.01
CA ASN A 244 -13.52 -7.34 -12.57
C ASN A 244 -13.32 -8.56 -11.66
N ALA A 245 -12.66 -9.62 -12.15
CA ALA A 245 -12.07 -10.69 -11.31
C ALA A 245 -10.75 -10.19 -10.71
N LEU A 246 -10.28 -10.84 -9.64
CA LEU A 246 -8.91 -10.61 -9.09
C LEU A 246 -7.94 -11.52 -9.84
N TRP A 247 -6.88 -10.95 -10.41
CA TRP A 247 -5.78 -11.70 -11.07
C TRP A 247 -4.49 -11.51 -10.28
N HIS A 248 -3.55 -12.44 -10.45
CA HIS A 248 -2.20 -12.36 -9.85
C HIS A 248 -1.17 -13.03 -10.76
N ILE A 249 0.08 -12.63 -10.58
CA ILE A 249 1.25 -13.05 -11.39
C ILE A 249 2.47 -12.95 -10.46
N TRP A 250 3.46 -13.81 -10.63
CA TRP A 250 4.59 -13.89 -9.67
C TRP A 250 5.89 -14.25 -10.39
N GLN A 251 7.02 -13.81 -9.83
CA GLN A 251 8.38 -14.30 -10.19
C GLN A 251 8.40 -15.81 -10.00
N THR A 252 8.95 -16.58 -10.95
CA THR A 252 8.94 -18.07 -10.89
C THR A 252 10.15 -18.56 -10.08
N ILE A 253 11.21 -17.74 -10.01
CA ILE A 253 12.47 -18.02 -9.26
C ILE A 253 12.61 -16.87 -8.27
N SER A 254 13.21 -17.10 -7.10
CA SER A 254 13.42 -16.07 -6.07
C SER A 254 14.16 -14.87 -6.69
N HIS A 255 13.64 -13.65 -6.48
CA HIS A 255 14.20 -12.34 -6.96
C HIS A 255 14.53 -12.37 -8.45
N SER A 256 13.81 -13.14 -9.28
CA SER A 256 14.14 -13.31 -10.72
C SER A 256 12.90 -13.59 -11.57
N GLY A 257 12.95 -13.14 -12.83
CA GLY A 257 12.12 -13.69 -13.93
C GLY A 257 12.63 -15.07 -14.34
N PRO A 258 11.92 -15.78 -15.26
CA PRO A 258 10.74 -15.23 -15.92
C PRO A 258 9.55 -15.22 -14.95
N TRP A 259 8.51 -14.47 -15.27
CA TRP A 259 7.27 -14.41 -14.45
C TRP A 259 6.32 -15.53 -14.89
N SER A 260 5.34 -15.84 -14.03
CA SER A 260 4.45 -17.02 -14.10
C SER A 260 3.48 -16.91 -15.28
N GLY A 261 3.17 -15.70 -15.73
CA GLY A 261 1.95 -15.47 -16.52
C GLY A 261 0.73 -15.39 -15.62
N TRP A 262 -0.28 -14.66 -16.06
CA TRP A 262 -1.45 -14.24 -15.25
C TRP A 262 -2.32 -15.45 -14.91
N GLN A 263 -2.79 -15.53 -13.66
CA GLN A 263 -3.77 -16.55 -13.17
CA GLN A 263 -3.80 -16.54 -13.22
C GLN A 263 -4.93 -15.82 -12.48
N SER A 264 -6.18 -16.19 -12.79
CA SER A 264 -7.38 -15.62 -12.16
C SER A 264 -7.64 -16.28 -10.80
N LEU A 265 -7.96 -15.46 -9.80
CA LEU A 265 -8.49 -15.90 -8.48
C LEU A 265 -10.00 -15.67 -8.44
N ASN A 266 -10.61 -15.35 -9.59
CA ASN A 266 -12.10 -15.26 -9.73
C ASN A 266 -12.61 -14.09 -8.89
N GLY A 267 -13.86 -14.18 -8.41
CA GLY A 267 -14.60 -13.10 -7.75
C GLY A 267 -15.06 -12.04 -8.74
N VAL A 268 -15.96 -11.16 -8.29
CA VAL A 268 -16.34 -9.90 -8.98
C VAL A 268 -16.19 -8.80 -7.93
N ILE A 269 -15.18 -7.94 -8.11
CA ILE A 269 -14.78 -6.97 -7.06
C ILE A 269 -15.00 -5.56 -7.60
N THR A 270 -15.45 -4.66 -6.72
CA THR A 270 -15.86 -3.27 -7.02
C THR A 270 -14.92 -2.29 -6.30
N SER A 271 -13.76 -2.76 -5.83
CA SER A 271 -12.67 -1.93 -5.27
C SER A 271 -11.33 -2.52 -5.69
N ALA A 272 -10.26 -1.76 -5.47
CA ALA A 272 -8.88 -2.30 -5.48
C ALA A 272 -8.81 -3.44 -4.48
N PRO A 273 -7.91 -4.43 -4.71
CA PRO A 273 -7.64 -5.47 -3.72
C PRO A 273 -6.62 -4.96 -2.69
N ALA A 274 -6.62 -5.60 -1.52
CA ALA A 274 -5.55 -5.48 -0.50
C ALA A 274 -5.12 -6.90 -0.16
N VAL A 275 -3.81 -7.10 0.07
CA VAL A 275 -3.27 -8.45 0.37
C VAL A 275 -2.36 -8.33 1.58
N ALA A 276 -2.42 -9.32 2.46
CA ALA A 276 -1.54 -9.44 3.64
C ALA A 276 -1.17 -10.90 3.85
N LYS A 277 -0.14 -11.15 4.66
CA LYS A 277 0.32 -12.51 5.00
C LYS A 277 -0.20 -12.86 6.39
N ASN A 278 -0.83 -14.03 6.51
CA ASN A 278 -1.14 -14.67 7.81
C ASN A 278 0.19 -14.91 8.52
N CYS A 279 0.18 -15.23 9.81
CA CYS A 279 1.47 -15.39 10.55
C CYS A 279 2.18 -16.67 10.07
N ASP A 280 1.46 -17.64 9.47
CA ASP A 280 2.07 -18.82 8.80
C ASP A 280 2.42 -18.52 7.33
N ASN A 281 2.39 -17.26 6.93
CA ASN A 281 2.80 -16.75 5.59
C ASN A 281 1.77 -17.06 4.49
N ARG A 282 0.63 -17.71 4.79
CA ARG A 282 -0.47 -17.89 3.80
C ARG A 282 -0.99 -16.50 3.37
N LEU A 283 -1.01 -16.24 2.08
CA LEU A 283 -1.50 -14.94 1.52
C LEU A 283 -3.02 -14.89 1.64
N GLU A 284 -3.56 -13.70 1.87
CA GLU A 284 -5.01 -13.47 1.96
C GLU A 284 -5.34 -12.18 1.24
N ALA A 285 -6.27 -12.25 0.28
CA ALA A 285 -6.72 -11.10 -0.54
C ALA A 285 -8.10 -10.64 -0.06
N PHE A 286 -8.30 -9.34 -0.02
CA PHE A 286 -9.55 -8.64 0.39
C PHE A 286 -9.96 -7.68 -0.72
N ALA A 287 -11.26 -7.54 -0.93
CA ALA A 287 -11.81 -6.57 -1.91
C ALA A 287 -13.30 -6.35 -1.62
N ARG A 288 -13.84 -5.20 -2.04
CA ARG A 288 -15.30 -4.97 -2.01
C ARG A 288 -15.96 -5.85 -3.07
N GLY A 289 -17.10 -6.44 -2.73
CA GLY A 289 -17.93 -7.24 -3.65
C GLY A 289 -19.07 -6.42 -4.23
N THR A 290 -19.85 -7.01 -5.14
CA THR A 290 -20.97 -6.33 -5.84
C THR A 290 -22.05 -5.92 -4.83
N ASP A 291 -22.22 -6.66 -3.73
CA ASP A 291 -23.16 -6.33 -2.61
C ASP A 291 -22.56 -5.28 -1.66
N ASN A 292 -21.40 -4.71 -1.98
CA ASN A 292 -20.68 -3.66 -1.20
C ASN A 292 -20.21 -4.20 0.16
N ALA A 293 -20.22 -5.51 0.36
CA ALA A 293 -19.62 -6.15 1.56
C ALA A 293 -18.13 -6.35 1.33
N LEU A 294 -17.36 -6.53 2.40
CA LEU A 294 -15.95 -7.01 2.32
C LEU A 294 -15.97 -8.50 1.98
N TRP A 295 -15.25 -8.91 0.93
CA TRP A 295 -15.01 -10.33 0.58
C TRP A 295 -13.51 -10.66 0.69
N HIS A 296 -13.18 -11.93 0.91
CA HIS A 296 -11.77 -12.38 0.99
C HIS A 296 -11.61 -13.80 0.44
N THR A 297 -10.39 -14.09 -0.03
CA THR A 297 -9.91 -15.40 -0.49
C THR A 297 -8.50 -15.59 0.08
N TRP A 298 -8.15 -16.80 0.51
CA TRP A 298 -6.86 -17.09 1.18
C TRP A 298 -6.24 -18.37 0.62
N GLN A 299 -4.92 -18.45 0.66
CA GLN A 299 -4.18 -19.72 0.48
C GLN A 299 -4.61 -20.67 1.59
N THR A 300 -4.90 -21.92 1.25
CA THR A 300 -5.24 -22.98 2.23
C THR A 300 -3.99 -23.81 2.50
N VAL A 301 -3.86 -24.32 3.73
CA VAL A 301 -2.86 -25.34 4.15
C VAL A 301 -1.50 -24.66 4.40
N SER A 302 -0.90 -24.06 3.36
CA SER A 302 0.44 -23.44 3.45
C SER A 302 0.59 -22.29 2.46
N HIS A 303 1.71 -21.59 2.54
CA HIS A 303 2.08 -20.48 1.62
C HIS A 303 2.28 -21.03 0.19
N SER A 304 2.30 -22.35 -0.01
CA SER A 304 2.37 -23.01 -1.33
C SER A 304 0.99 -23.56 -1.74
N GLY A 305 -0.04 -23.32 -0.93
CA GLY A 305 -1.34 -24.01 -1.04
C GLY A 305 -2.27 -23.37 -2.06
N PRO A 306 -3.34 -24.09 -2.48
CA PRO A 306 -4.35 -23.54 -3.38
C PRO A 306 -5.25 -22.51 -2.67
N TRP A 307 -5.84 -21.60 -3.44
CA TRP A 307 -6.67 -20.49 -2.92
C TRP A 307 -8.10 -20.98 -2.63
N SER A 308 -8.69 -20.46 -1.56
CA SER A 308 -10.08 -20.74 -1.10
C SER A 308 -11.07 -20.14 -2.09
N SER A 309 -12.35 -20.53 -1.98
CA SER A 309 -13.49 -19.77 -2.55
C SER A 309 -13.56 -18.41 -1.87
N TRP A 310 -14.11 -17.39 -2.55
CA TRP A 310 -14.40 -16.07 -1.96
C TRP A 310 -15.50 -16.22 -0.91
N GLN A 311 -15.34 -15.59 0.25
CA GLN A 311 -16.34 -15.62 1.35
C GLN A 311 -16.53 -14.19 1.87
N SER A 312 -17.71 -13.91 2.43
CA SER A 312 -18.12 -12.55 2.87
C SER A 312 -17.71 -12.33 4.32
N LEU A 313 -17.26 -11.12 4.63
CA LEU A 313 -17.00 -10.63 6.01
C LEU A 313 -17.98 -9.51 6.34
N ASN A 314 -19.00 -9.35 5.49
CA ASN A 314 -20.14 -8.42 5.70
C ASN A 314 -19.64 -6.97 5.64
N GLY A 315 -20.27 -6.08 6.41
CA GLY A 315 -20.06 -4.63 6.32
C GLY A 315 -20.74 -4.06 5.08
N VAL A 316 -20.86 -2.73 5.06
CA VAL A 316 -21.25 -1.93 3.86
C VAL A 316 -20.18 -0.85 3.73
N ILE A 317 -19.29 -1.00 2.75
CA ILE A 317 -18.04 -0.20 2.69
C ILE A 317 -18.03 0.66 1.42
N THR A 318 -17.41 1.83 1.53
CA THR A 318 -17.36 2.91 0.51
C THR A 318 -15.89 3.18 0.16
N SER A 319 -15.03 2.18 0.36
CA SER A 319 -13.59 2.21 0.00
C SER A 319 -13.11 0.79 -0.25
N ALA A 320 -11.92 0.65 -0.83
CA ALA A 320 -11.18 -0.62 -0.79
C ALA A 320 -10.83 -0.90 0.67
N PRO A 321 -10.68 -2.18 1.04
CA PRO A 321 -10.20 -2.53 2.38
C PRO A 321 -8.68 -2.32 2.47
N THR A 322 -8.17 -2.13 3.69
CA THR A 322 -6.72 -2.06 3.99
C THR A 322 -6.43 -3.15 5.02
N ALA A 323 -5.52 -4.09 4.70
CA ALA A 323 -5.25 -5.29 5.52
C ALA A 323 -3.85 -5.21 6.11
N VAL A 324 -3.69 -5.66 7.35
CA VAL A 324 -2.38 -5.63 8.05
C VAL A 324 -2.40 -6.74 9.11
N ARG A 325 -1.24 -7.35 9.36
CA ARG A 325 -1.07 -8.34 10.44
C ARG A 325 -0.59 -7.60 11.69
N ASP A 326 -1.28 -7.81 12.81
CA ASP A 326 -1.01 -7.13 14.10
C ASP A 326 0.05 -7.92 14.86
N ALA A 327 0.36 -7.47 16.08
CA ALA A 327 1.43 -8.00 16.95
C ALA A 327 1.03 -9.34 17.56
N ASP A 328 -0.25 -9.75 17.43
CA ASP A 328 -0.73 -11.10 17.86
C ASP A 328 -0.77 -12.05 16.67
N GLY A 329 -0.29 -11.61 15.50
CA GLY A 329 -0.23 -12.42 14.28
C GLY A 329 -1.59 -12.59 13.63
N ARG A 330 -2.55 -11.72 13.96
CA ARG A 330 -3.91 -11.72 13.36
C ARG A 330 -4.04 -10.63 12.31
N LEU A 331 -4.77 -10.92 11.24
CA LEU A 331 -5.14 -9.91 10.22
C LEU A 331 -6.25 -9.01 10.76
N GLU A 332 -6.06 -7.71 10.55
CA GLU A 332 -7.05 -6.65 10.85
C GLU A 332 -7.32 -5.94 9.52
N VAL A 333 -8.60 -5.66 9.25
CA VAL A 333 -9.00 -4.99 7.98
C VAL A 333 -9.83 -3.75 8.30
N PHE A 334 -9.41 -2.63 7.71
CA PHE A 334 -10.05 -1.29 7.82
C PHE A 334 -10.74 -0.98 6.49
N ALA A 335 -11.89 -0.33 6.56
CA ALA A 335 -12.63 0.15 5.38
C ALA A 335 -13.54 1.31 5.79
N ARG A 336 -13.79 2.23 4.87
CA ARG A 336 -14.75 3.34 5.12
C ARG A 336 -16.17 2.76 5.08
N GLY A 337 -17.03 3.21 5.98
CA GLY A 337 -18.46 2.87 6.01
C GLY A 337 -19.29 3.88 5.24
N THR A 338 -20.61 3.68 5.19
CA THR A 338 -21.61 4.57 4.54
C THR A 338 -21.63 5.93 5.26
N ASP A 339 -21.31 5.95 6.56
CA ASP A 339 -21.27 7.19 7.39
C ASP A 339 -19.92 7.92 7.23
N ASN A 340 -19.01 7.40 6.40
CA ASN A 340 -17.65 7.94 6.12
C ASN A 340 -16.72 7.81 7.34
N ALA A 341 -17.13 7.04 8.35
CA ALA A 341 -16.25 6.60 9.46
C ALA A 341 -15.35 5.49 8.95
N LEU A 342 -14.21 5.27 9.63
CA LEU A 342 -13.39 4.07 9.40
C LEU A 342 -13.89 2.97 10.33
N TRP A 343 -14.20 1.81 9.76
CA TRP A 343 -14.64 0.59 10.49
C TRP A 343 -13.54 -0.47 10.42
N LEU A 344 -13.60 -1.45 11.32
CA LEU A 344 -12.51 -2.41 11.60
C LEU A 344 -13.11 -3.76 11.97
N THR A 345 -12.60 -4.83 11.35
CA THR A 345 -12.88 -6.24 11.69
C THR A 345 -11.54 -6.98 11.72
N TRP A 346 -11.43 -8.03 12.54
CA TRP A 346 -10.15 -8.78 12.70
C TRP A 346 -10.43 -10.28 12.88
N GLN A 347 -9.40 -11.10 12.62
CA GLN A 347 -9.46 -12.58 12.76
C GLN A 347 -9.63 -12.94 14.25
N THR A 348 -10.54 -13.88 14.53
CA THR A 348 -10.70 -14.57 15.83
C THR A 348 -10.31 -16.04 15.61
N ALA A 349 -10.26 -16.86 16.67
CA ALA A 349 -9.90 -18.30 16.59
C ALA A 349 -10.78 -18.97 15.53
N SER A 350 -12.09 -18.75 15.59
CA SER A 350 -13.13 -19.45 14.79
C SER A 350 -13.44 -18.72 13.47
N SER A 351 -13.30 -17.39 13.44
CA SER A 351 -14.03 -16.54 12.46
C SER A 351 -13.39 -15.14 12.37
N TRP A 352 -14.22 -14.12 12.16
CA TRP A 352 -13.87 -12.69 12.22
C TRP A 352 -14.82 -11.97 13.19
N SER A 353 -14.35 -10.90 13.81
CA SER A 353 -15.09 -10.06 14.79
C SER A 353 -16.16 -9.27 14.05
N PRO A 354 -17.25 -8.85 14.73
CA PRO A 354 -18.22 -7.94 14.12
C PRO A 354 -17.50 -6.62 13.84
N TRP A 355 -17.86 -5.93 12.75
CA TRP A 355 -17.32 -4.58 12.45
C TRP A 355 -17.57 -3.65 13.64
N ILE A 356 -16.55 -2.91 14.06
CA ILE A 356 -16.65 -1.78 15.01
C ILE A 356 -16.20 -0.50 14.30
N SER A 357 -16.71 0.65 14.74
CA SER A 357 -16.40 1.98 14.19
C SER A 357 -15.27 2.64 14.97
N LEU A 358 -14.27 3.19 14.27
CA LEU A 358 -13.23 4.07 14.85
C LEU A 358 -13.62 5.54 14.63
N GLY A 359 -14.83 5.80 14.13
CA GLY A 359 -15.29 7.17 13.84
C GLY A 359 -14.41 7.87 12.82
N GLY A 360 -14.34 9.19 12.92
CA GLY A 360 -13.72 10.08 11.92
C GLY A 360 -14.62 10.29 10.72
N VAL A 361 -14.24 11.23 9.84
CA VAL A 361 -14.89 11.48 8.53
C VAL A 361 -13.79 11.57 7.49
N LEU A 362 -13.62 10.51 6.69
CA LEU A 362 -12.48 10.37 5.75
C LEU A 362 -12.96 10.59 4.31
N ILE A 363 -12.13 11.23 3.51
CA ILE A 363 -12.35 11.39 2.04
C ILE A 363 -11.33 10.49 1.33
N ASP A 364 -11.67 10.07 0.11
CA ASP A 364 -10.71 9.46 -0.84
C ASP A 364 -9.96 10.61 -1.52
N ALA A 365 -8.72 10.85 -1.11
CA ALA A 365 -7.85 11.94 -1.62
C ALA A 365 -6.90 11.42 -2.70
N SER A 366 -7.08 10.17 -3.17
CA SER A 366 -6.17 9.53 -4.17
C SER A 366 -5.91 10.50 -5.32
N ALA A 367 -4.64 10.68 -5.71
CA ALA A 367 -4.22 11.61 -6.78
C ALA A 367 -4.63 11.04 -8.15
N ILE A 368 -4.92 9.75 -8.23
CA ILE A 368 -5.44 9.04 -9.44
C ILE A 368 -6.71 8.28 -9.01
N LYS A 369 -7.82 8.50 -9.72
CA LYS A 369 -9.12 7.79 -9.48
C LYS A 369 -9.64 7.21 -10.79
C1 K3Q B . 0.15 24.08 3.35
C2 K3Q B . 0.71 25.01 2.28
O2 K3Q B . 0.15 26.32 2.41
O5 K3Q B . 0.79 22.81 3.22
C5 K3Q B . 0.45 22.16 2.00
C4 K3Q B . 0.91 23.00 0.80
O4 K3Q B . 0.47 22.42 -0.43
C3 K3Q B . 0.37 24.43 0.91
O3 K3Q B . 0.92 25.28 -0.10
C6 K3Q B . 1.11 20.78 2.04
O6 K3Q B . 0.59 20.04 3.15
C7 K3Q B . -0.09 25.83 -0.96
C8 K3Q B . 1.32 18.84 3.40
C1 7CV C . -0.22 23.87 8.61
C2 7CV C . -1.44 24.06 7.70
C3 7CV C . -1.02 24.64 6.34
C4 7CV C . 0.12 23.82 5.74
C5 7CV C . 1.26 23.64 6.74
C6 7CV C . 2.37 22.78 6.17
O2 7CV C . -2.07 22.77 7.55
O3 7CV C . -2.13 24.70 5.44
O4 7CV C . 0.65 24.48 4.56
O5 7CV C . 0.75 23.05 7.95
C24 7CV C . -3.48 22.72 7.80
C27 7CV C . -3.22 25.51 5.89
O1 7CV C . 0.35 25.14 8.94
C1 K3Q D . 5.83 3.00 -23.86
C2 K3Q D . 4.85 2.28 -24.80
O2 K3Q D . 4.88 2.89 -26.10
O5 K3Q D . 5.79 2.35 -22.59
C5 K3Q D . 4.53 2.46 -21.93
C4 K3Q D . 3.44 1.77 -22.77
O4 K3Q D . 2.17 1.94 -22.13
C3 K3Q D . 3.44 2.26 -24.23
O3 K3Q D . 2.66 1.37 -25.05
C6 K3Q D . 4.69 1.80 -20.56
O6 K3Q D . 5.40 2.66 -19.69
C7 K3Q D . 1.29 1.74 -25.24
C8 K3Q D . 5.76 2.02 -18.47
C1 7CV E . 10.90 4.13 -24.80
C2 7CV E . 9.75 4.73 -25.62
C3 7CV E . 8.54 3.80 -25.65
C4 7CV E . 8.17 3.46 -24.19
C5 7CV E . 9.36 2.88 -23.43
C6 7CV E . 9.03 2.62 -21.96
O2 7CV E . 9.36 6.00 -25.07
O3 7CV E . 7.42 4.40 -26.33
O4 7CV E . 7.07 2.54 -24.21
O5 7CV E . 10.48 3.78 -23.47
C24 7CV E . 10.22 7.08 -25.44
C27 7CV E . 7.58 4.52 -27.75
C8 K42 F . 17.94 -1.07 -24.32
C5 K42 F . 15.12 2.60 -24.63
C4 K42 F . 15.07 1.26 -24.27
C2 K42 F . 12.71 1.21 -24.74
C6 K42 F . 13.95 3.26 -25.04
O1 K42 F . 11.60 3.17 -25.50
C1 K42 F . 12.75 2.56 -25.10
C3 K42 F . 13.86 0.56 -24.33
O8 K42 F . 16.21 0.60 -23.87
C7 K42 F . 16.46 -0.74 -24.31
N11 K42 F . 18.66 -0.36 -23.23
C1 K3Q G . -6.21 -10.96 -20.80
O1 K3Q G . -5.32 -11.61 -21.72
C2 K3Q G . -7.65 -11.47 -20.91
O2 K3Q G . -8.12 -11.31 -22.25
O5 K3Q G . -5.79 -11.22 -19.47
C5 K3Q G . -6.45 -10.35 -18.55
C4 K3Q G . -7.97 -10.60 -18.53
O4 K3Q G . -8.61 -9.52 -17.81
C3 K3Q G . -8.57 -10.72 -19.94
O3 K3Q G . -9.82 -11.43 -19.88
C6 K3Q G . -5.82 -10.54 -17.18
O6 K3Q G . -5.42 -9.26 -16.69
C7 K3Q G . -10.98 -10.60 -19.94
C8 K3Q G . -4.47 -9.33 -15.65
C1 EDO H . -19.14 -11.20 -5.15
O1 EDO H . -19.12 -9.83 -5.53
C2 EDO H . -17.93 -11.61 -4.38
O2 EDO H . -16.76 -11.72 -5.15
C1 K3Q I . -24.02 -1.97 8.29
O1 K3Q I . -24.72 -3.18 8.65
C2 K3Q I . -24.72 -0.71 8.80
O2 K3Q I . -26.02 -0.62 8.20
O5 K3Q I . -22.72 -1.99 8.86
C5 K3Q I . -21.91 -1.00 8.25
C4 K3Q I . -22.42 0.42 8.55
O4 K3Q I . -21.82 1.35 7.62
C3 K3Q I . -23.94 0.58 8.49
O3 K3Q I . -24.39 1.57 9.43
C6 K3Q I . -20.48 -1.22 8.73
O6 K3Q I . -19.59 -0.91 7.65
C7 K3Q I . -23.86 2.89 9.27
C8 K3Q I . -18.35 -1.62 7.71
C1 K3Q J . -14.17 14.96 12.63
O1 K3Q J . -14.54 14.72 13.99
C2 K3Q J . -14.27 16.45 12.28
O2 K3Q J . -15.65 16.83 12.39
O5 K3Q J . -12.82 14.57 12.40
C5 K3Q J . -12.56 14.55 11.00
C4 K3Q J . -12.55 15.98 10.45
O4 K3Q J . -12.43 15.97 9.01
C3 K3Q J . -13.80 16.77 10.86
O3 K3Q J . -13.53 18.17 10.76
C6 K3Q J . -11.25 13.81 10.82
O6 K3Q J . -11.54 12.43 10.89
C7 K3Q J . -14.32 18.85 9.80
C8 K3Q J . -10.43 11.64 10.49
NA NA K . -9.21 -15.49 7.41
NA NA L . 6.20 -4.19 14.30
CL CL M . -11.71 1.20 -13.50
#